data_8X4M
#
_entry.id   8X4M
#
_cell.length_a   41.823
_cell.length_b   62.795
_cell.length_c   176.663
_cell.angle_alpha   90.00
_cell.angle_beta   90.00
_cell.angle_gamma   90.00
#
_symmetry.space_group_name_H-M   'P 21 21 21'
#
loop_
_entity.id
_entity.type
_entity.pdbx_description
1 polymer 'Subversion of eukaryotic traffic protein A'
2 non-polymer "URIDINE-5'-DIPHOSPHATE"
3 non-polymer 'MAGNESIUM ION'
4 non-polymer 1,2-ETHANEDIOL
5 non-polymer GLYCEROL
6 water water
#
_entity_poly.entity_id   1
_entity_poly.type   'polypeptide(L)'
_entity_poly.pdbx_seq_one_letter_code
;MAQIDKKIHFIWVGHIMPQKNIQVVSEWAEKNPGYETIIWVDKKIAPAKELDLFILDMKSKGITVKDINEEGVCRDSIRH
ELDQESPNYGMVSDMLRLNILAAEGGIYLDSDILCSAPFPDEIYAPFGFLLSPWSQGANNTLCNDIILCSKGNQIIQQLA
DAIEQSYIARDSFEFTHEYASMKETKGERIAKTLGVTGPGFLFHQLKKMGILNDKSEMEAIHWELQDQRYLIDGSVKEPD
YFYVPQNNTNDASWVPSIKRPGIENMSFQERLENAVQLIAFDIQKTGLFNLDHYANELKVKQNSWCIAAETSPELKPDSY
LLIRPRDKTGEWTLYYVDEDKKLNPVTLPVIKGAIKLSEVSDPLRKFHTLLSQVSDPVNPTAHELKQIGRALIELKPRQD
EWHCKNKWSGAEEIAQELWQRITSNETLRAQIKQCFTQFESLKPRVAELGLEHHHHHH
;
_entity_poly.pdbx_strand_id   A
#
loop_
_chem_comp.id
_chem_comp.type
_chem_comp.name
_chem_comp.formula
EDO non-polymer 1,2-ETHANEDIOL 'C2 H6 O2'
GOL non-polymer GLYCEROL 'C3 H8 O3'
MG non-polymer 'MAGNESIUM ION' 'Mg 2'
UDP RNA linking URIDINE-5'-DIPHOSPHATE 'C9 H14 N2 O12 P2'
#
# COMPACT_ATOMS: atom_id res chain seq x y z
N ALA A 2 30.16 1.49 13.24
CA ALA A 2 29.41 0.29 13.71
C ALA A 2 29.03 -0.56 12.51
N GLN A 3 28.98 -1.88 12.70
CA GLN A 3 28.68 -2.80 11.62
C GLN A 3 27.18 -2.77 11.32
N ILE A 4 26.84 -2.75 10.03
CA ILE A 4 25.49 -2.93 9.55
C ILE A 4 25.06 -4.37 9.85
N ASP A 5 23.92 -4.53 10.53
CA ASP A 5 23.41 -5.85 10.88
C ASP A 5 23.16 -6.65 9.60
N LYS A 6 23.35 -7.97 9.66
CA LYS A 6 23.35 -8.79 8.46
C LYS A 6 21.91 -9.23 8.15
N LYS A 7 21.08 -8.24 7.82
CA LYS A 7 19.70 -8.44 7.43
C LYS A 7 19.41 -7.58 6.20
N ILE A 8 18.63 -8.13 5.26
CA ILE A 8 18.09 -7.37 4.15
C ILE A 8 16.58 -7.36 4.28
N HIS A 9 15.99 -6.15 4.28
CA HIS A 9 14.59 -5.95 4.58
C HIS A 9 13.85 -5.47 3.35
N PHE A 10 12.76 -6.18 2.99
CA PHE A 10 11.79 -5.73 2.00
C PHE A 10 10.44 -5.57 2.69
N ILE A 11 9.61 -4.65 2.15
CA ILE A 11 8.28 -4.41 2.69
C ILE A 11 7.25 -4.63 1.59
N TRP A 12 6.17 -5.36 1.92
CA TRP A 12 5.00 -5.35 1.07
C TRP A 12 3.73 -5.51 1.91
N VAL A 13 2.89 -4.47 1.85
CA VAL A 13 1.65 -4.40 2.61
C VAL A 13 0.48 -4.21 1.63
N GLY A 14 -0.71 -4.65 2.07
CA GLY A 14 -1.90 -4.61 1.24
C GLY A 14 -2.28 -6.01 0.78
N HIS A 15 -2.32 -6.19 -0.56
CA HIS A 15 -2.49 -7.51 -1.14
C HIS A 15 -1.11 -8.14 -1.28
N ILE A 16 -1.04 -9.30 -1.96
CA ILE A 16 0.14 -10.13 -1.97
C ILE A 16 1.19 -9.53 -2.92
N MET A 17 2.46 -9.65 -2.52
CA MET A 17 3.57 -9.15 -3.31
C MET A 17 3.51 -9.75 -4.72
N PRO A 18 3.57 -8.94 -5.79
CA PRO A 18 3.61 -9.46 -7.16
C PRO A 18 4.79 -10.39 -7.44
N GLN A 19 4.62 -11.26 -8.44
CA GLN A 19 5.59 -12.29 -8.80
C GLN A 19 6.95 -11.65 -9.12
N LYS A 20 6.93 -10.57 -9.90
CA LYS A 20 8.17 -9.90 -10.31
C LYS A 20 8.98 -9.52 -9.06
N ASN A 21 8.30 -8.94 -8.07
CA ASN A 21 8.95 -8.49 -6.84
C ASN A 21 9.51 -9.68 -6.07
N ILE A 22 8.79 -10.81 -6.03
CA ILE A 22 9.24 -12.00 -5.33
C ILE A 22 10.53 -12.50 -5.98
N GLN A 23 10.57 -12.49 -7.32
CA GLN A 23 11.73 -12.94 -8.07
C GLN A 23 12.93 -12.06 -7.71
N VAL A 24 12.69 -10.75 -7.55
CA VAL A 24 13.76 -9.81 -7.22
C VAL A 24 14.29 -10.14 -5.83
N VAL A 25 13.38 -10.32 -4.86
CA VAL A 25 13.77 -10.63 -3.50
C VAL A 25 14.57 -11.93 -3.48
N SER A 26 14.09 -12.95 -4.21
CA SER A 26 14.75 -14.25 -4.27
C SER A 26 16.19 -14.11 -4.76
N GLU A 27 16.42 -13.21 -5.72
CA GLU A 27 17.75 -12.97 -6.27
C GLU A 27 18.65 -12.35 -5.21
N TRP A 28 18.12 -11.36 -4.47
CA TRP A 28 18.88 -10.74 -3.39
C TRP A 28 19.27 -11.78 -2.34
N ALA A 29 18.32 -12.65 -1.99
CA ALA A 29 18.53 -13.64 -0.95
C ALA A 29 19.62 -14.62 -1.37
N GLU A 30 19.53 -15.08 -2.63
CA GLU A 30 20.43 -16.09 -3.16
C GLU A 30 21.83 -15.52 -3.30
N LYS A 31 21.95 -14.24 -3.68
CA LYS A 31 23.24 -13.63 -3.96
C LYS A 31 23.92 -13.14 -2.69
N ASN A 32 23.17 -13.06 -1.57
CA ASN A 32 23.69 -12.56 -0.32
C ASN A 32 23.41 -13.56 0.80
N PRO A 33 23.95 -14.80 0.72
CA PRO A 33 23.57 -15.87 1.64
C PRO A 33 23.97 -15.64 3.10
N GLY A 34 24.96 -14.76 3.33
CA GLY A 34 25.39 -14.40 4.67
C GLY A 34 24.42 -13.44 5.38
N TYR A 35 23.46 -12.88 4.61
CA TYR A 35 22.46 -11.98 5.16
C TYR A 35 21.11 -12.71 5.28
N GLU A 36 20.36 -12.40 6.34
CA GLU A 36 18.99 -12.87 6.47
C GLU A 36 18.09 -11.94 5.65
N THR A 37 17.40 -12.48 4.64
CA THR A 37 16.45 -11.71 3.84
C THR A 37 15.05 -11.85 4.43
N ILE A 38 14.38 -10.72 4.65
CA ILE A 38 13.11 -10.65 5.37
C ILE A 38 12.11 -9.84 4.53
N ILE A 39 10.93 -10.43 4.29
CA ILE A 39 9.80 -9.66 3.78
C ILE A 39 8.87 -9.33 4.93
N TRP A 40 8.55 -8.04 5.06
CA TRP A 40 7.66 -7.53 6.08
C TRP A 40 6.27 -7.35 5.50
N VAL A 41 5.25 -7.80 6.24
CA VAL A 41 3.87 -7.74 5.81
C VAL A 41 3.01 -7.18 6.95
N ASP A 42 1.74 -6.91 6.63
CA ASP A 42 0.75 -6.53 7.63
C ASP A 42 -0.41 -7.52 7.55
N LYS A 43 -0.52 -8.38 8.58
CA LYS A 43 -1.54 -9.41 8.62
C LYS A 43 -2.92 -8.81 8.83
N LYS A 44 -3.00 -7.60 9.39
CA LYS A 44 -4.28 -7.04 9.79
C LYS A 44 -5.12 -6.67 8.58
N ILE A 45 -4.52 -6.22 7.48
CA ILE A 45 -5.29 -5.82 6.31
C ILE A 45 -5.17 -6.84 5.17
N ALA A 46 -4.32 -7.87 5.35
CA ALA A 46 -4.04 -8.80 4.27
C ALA A 46 -5.22 -9.75 4.07
N PRO A 47 -5.39 -10.32 2.86
CA PRO A 47 -6.34 -11.41 2.64
C PRO A 47 -5.71 -12.68 3.22
N ALA A 48 -6.39 -13.27 4.21
CA ALA A 48 -5.77 -14.22 5.13
C ALA A 48 -5.35 -15.49 4.40
N LYS A 49 -6.22 -16.00 3.52
CA LYS A 49 -5.97 -17.26 2.82
C LYS A 49 -4.77 -17.09 1.89
N GLU A 50 -4.76 -15.99 1.13
CA GLU A 50 -3.74 -15.70 0.16
C GLU A 50 -2.40 -15.45 0.86
N LEU A 51 -2.44 -14.74 1.99
CA LEU A 51 -1.22 -14.45 2.73
C LEU A 51 -0.62 -15.73 3.31
N ASP A 52 -1.49 -16.66 3.74
CA ASP A 52 -1.02 -17.95 4.27
C ASP A 52 -0.25 -18.70 3.19
N LEU A 53 -0.78 -18.73 1.96
CA LEU A 53 -0.13 -19.38 0.83
C LEU A 53 1.21 -18.69 0.54
N PHE A 54 1.20 -17.36 0.59
CA PHE A 54 2.39 -16.55 0.34
C PHE A 54 3.49 -16.89 1.35
N ILE A 55 3.14 -16.95 2.64
CA ILE A 55 4.12 -17.20 3.69
C ILE A 55 4.74 -18.58 3.52
N LEU A 56 3.91 -19.59 3.20
CA LEU A 56 4.39 -20.95 2.98
C LEU A 56 5.36 -20.97 1.80
N ASP A 57 5.03 -20.22 0.75
CA ASP A 57 5.86 -20.12 -0.44
C ASP A 57 7.22 -19.52 -0.06
N MET A 58 7.20 -18.45 0.74
CA MET A 58 8.42 -17.74 1.09
C MET A 58 9.29 -18.65 1.97
N LYS A 59 8.66 -19.41 2.86
CA LYS A 59 9.35 -20.39 3.68
C LYS A 59 10.07 -21.40 2.79
N SER A 60 9.41 -21.84 1.71
CA SER A 60 9.97 -22.84 0.81
C SER A 60 11.17 -22.27 0.07
N LYS A 61 11.21 -20.94 -0.11
CA LYS A 61 12.31 -20.27 -0.79
C LYS A 61 13.38 -19.81 0.20
N GLY A 62 13.19 -20.08 1.49
CA GLY A 62 14.15 -19.72 2.51
C GLY A 62 14.17 -18.21 2.81
N ILE A 63 13.02 -17.55 2.58
CA ILE A 63 12.88 -16.14 2.90
C ILE A 63 12.04 -16.03 4.18
N THR A 64 12.57 -15.29 5.16
CA THR A 64 11.85 -15.03 6.40
C THR A 64 10.72 -14.04 6.12
N VAL A 65 9.55 -14.30 6.73
CA VAL A 65 8.46 -13.34 6.70
C VAL A 65 8.21 -12.89 8.13
N LYS A 66 8.14 -11.56 8.33
CA LYS A 66 7.81 -10.99 9.63
C LYS A 66 6.60 -10.07 9.49
N ASP A 67 5.77 -10.03 10.55
CA ASP A 67 4.62 -9.16 10.60
C ASP A 67 4.98 -7.90 11.40
N ILE A 68 4.57 -6.74 10.89
CA ILE A 68 4.92 -5.46 11.49
C ILE A 68 4.34 -5.33 12.90
N ASN A 69 3.15 -5.92 13.13
CA ASN A 69 2.47 -5.81 14.41
C ASN A 69 3.12 -6.72 15.43
N GLU A 70 3.42 -7.96 15.01
CA GLU A 70 4.01 -8.97 15.86
C GLU A 70 5.38 -8.49 16.39
N GLU A 71 6.13 -7.78 15.55
CA GLU A 71 7.47 -7.34 15.88
C GLU A 71 7.46 -5.98 16.60
N GLY A 72 6.30 -5.32 16.63
CA GLY A 72 6.14 -4.09 17.40
C GLY A 72 6.65 -2.84 16.68
N VAL A 73 6.77 -2.90 15.34
CA VAL A 73 7.35 -1.80 14.58
C VAL A 73 6.25 -0.93 13.96
N CYS A 74 4.97 -1.26 14.18
CA CYS A 74 3.88 -0.49 13.60
C CYS A 74 3.37 0.53 14.61
N ARG A 75 3.84 1.79 14.46
CA ARG A 75 3.35 2.89 15.28
C ARG A 75 1.88 3.13 14.96
N ASP A 76 1.18 3.80 15.89
CA ASP A 76 -0.22 4.14 15.71
C ASP A 76 -0.44 4.89 14.40
N SER A 77 0.49 5.80 14.08
CA SER A 77 0.40 6.63 12.88
C SER A 77 0.44 5.77 11.61
N ILE A 78 1.22 4.68 11.64
CA ILE A 78 1.33 3.78 10.50
C ILE A 78 0.07 2.93 10.41
N ARG A 79 -0.42 2.42 11.55
CA ARG A 79 -1.68 1.69 11.58
C ARG A 79 -2.78 2.56 10.97
N HIS A 80 -2.72 3.88 11.27
CA HIS A 80 -3.73 4.83 10.83
C HIS A 80 -3.81 4.87 9.30
N GLU A 81 -2.67 4.83 8.61
CA GLU A 81 -2.68 4.88 7.15
C GLU A 81 -3.11 3.53 6.58
N LEU A 82 -2.64 2.44 7.19
CA LEU A 82 -2.92 1.09 6.73
C LEU A 82 -4.43 0.80 6.79
N ASP A 83 -5.12 1.34 7.80
CA ASP A 83 -6.52 1.05 8.01
C ASP A 83 -7.43 1.95 7.16
N GLN A 84 -6.87 2.95 6.47
CA GLN A 84 -7.61 3.70 5.47
C GLN A 84 -8.17 2.71 4.43
N GLU A 85 -9.29 3.06 3.81
CA GLU A 85 -9.91 2.18 2.83
C GLU A 85 -9.05 2.09 1.58
N SER A 86 -8.36 3.19 1.24
CA SER A 86 -7.40 3.20 0.14
C SER A 86 -6.07 3.70 0.67
N PRO A 87 -5.27 2.84 1.35
CA PRO A 87 -3.98 3.28 1.91
C PRO A 87 -3.02 3.76 0.84
N ASN A 88 -2.22 4.77 1.20
CA ASN A 88 -1.05 5.14 0.43
C ASN A 88 0.09 4.25 0.92
N TYR A 89 0.35 3.17 0.18
CA TYR A 89 1.33 2.18 0.60
C TYR A 89 2.74 2.74 0.48
N GLY A 90 2.91 3.77 -0.35
CA GLY A 90 4.18 4.50 -0.41
C GLY A 90 4.52 5.14 0.94
N MET A 91 3.54 5.87 1.49
CA MET A 91 3.69 6.52 2.78
C MET A 91 3.92 5.46 3.86
N VAL A 92 3.16 4.36 3.81
CA VAL A 92 3.28 3.33 4.83
C VAL A 92 4.70 2.78 4.81
N SER A 93 5.18 2.43 3.61
CA SER A 93 6.48 1.81 3.43
C SER A 93 7.60 2.76 3.84
N ASP A 94 7.44 4.05 3.50
CA ASP A 94 8.41 5.08 3.85
C ASP A 94 8.58 5.13 5.38
N MET A 95 7.48 5.00 6.10
CA MET A 95 7.48 5.13 7.55
C MET A 95 7.99 3.83 8.19
N LEU A 96 7.55 2.69 7.66
CA LEU A 96 7.91 1.38 8.19
C LEU A 96 9.40 1.11 8.08
N ARG A 97 10.04 1.51 6.97
CA ARG A 97 11.43 1.11 6.76
C ARG A 97 12.31 1.69 7.87
N LEU A 98 11.99 2.90 8.33
CA LEU A 98 12.78 3.56 9.37
C LEU A 98 12.56 2.86 10.71
N ASN A 99 11.33 2.40 10.96
CA ASN A 99 10.98 1.77 12.22
C ASN A 99 11.60 0.36 12.28
N ILE A 100 11.60 -0.35 11.15
CA ILE A 100 12.21 -1.67 11.04
C ILE A 100 13.72 -1.54 11.28
N LEU A 101 14.35 -0.56 10.63
CA LEU A 101 15.80 -0.39 10.72
C LEU A 101 16.21 0.00 12.15
N ALA A 102 15.43 0.86 12.80
CA ALA A 102 15.73 1.22 14.19
C ALA A 102 15.73 -0.04 15.07
N ALA A 103 14.76 -0.93 14.82
CA ALA A 103 14.50 -2.08 15.68
C ALA A 103 15.50 -3.20 15.44
N GLU A 104 15.91 -3.41 14.18
CA GLU A 104 16.65 -4.60 13.80
C GLU A 104 18.02 -4.27 13.21
N GLY A 105 18.21 -3.04 12.71
CA GLY A 105 19.37 -2.74 11.91
C GLY A 105 19.29 -3.44 10.56
N GLY A 106 20.27 -3.17 9.68
CA GLY A 106 20.38 -3.90 8.44
C GLY A 106 20.20 -2.98 7.22
N ILE A 107 19.69 -3.57 6.13
CA ILE A 107 19.65 -2.92 4.83
C ILE A 107 18.21 -2.97 4.33
N TYR A 108 17.57 -1.79 4.22
CA TYR A 108 16.30 -1.70 3.55
C TYR A 108 16.53 -1.53 2.04
N LEU A 109 15.79 -2.32 1.23
CA LEU A 109 15.76 -2.16 -0.22
C LEU A 109 14.31 -2.22 -0.71
N ASP A 110 13.99 -1.39 -1.71
CA ASP A 110 12.82 -1.61 -2.54
C ASP A 110 13.00 -2.91 -3.32
N SER A 111 11.87 -3.51 -3.74
CA SER A 111 11.90 -4.73 -4.55
C SER A 111 11.79 -4.41 -6.04
N ASP A 112 12.20 -3.20 -6.44
CA ASP A 112 12.33 -2.83 -7.84
C ASP A 112 13.77 -2.37 -8.13
N ILE A 113 14.72 -2.97 -7.38
CA ILE A 113 16.14 -2.79 -7.58
C ILE A 113 16.76 -4.16 -7.74
N LEU A 114 17.60 -4.35 -8.77
CA LEU A 114 18.24 -5.64 -9.00
C LEU A 114 19.63 -5.66 -8.36
N CYS A 115 20.09 -6.87 -8.01
CA CYS A 115 21.41 -7.08 -7.42
C CYS A 115 22.43 -7.40 -8.52
N SER A 116 23.36 -6.47 -8.76
CA SER A 116 24.40 -6.66 -9.75
C SER A 116 25.73 -7.06 -9.09
N ALA A 117 25.76 -7.07 -7.76
CA ALA A 117 26.91 -7.58 -7.01
C ALA A 117 26.48 -7.80 -5.56
N PRO A 118 27.01 -8.84 -4.88
CA PRO A 118 26.69 -9.07 -3.47
C PRO A 118 27.32 -8.02 -2.57
N PHE A 119 26.69 -7.80 -1.40
CA PHE A 119 27.24 -6.90 -0.40
C PHE A 119 28.51 -7.51 0.19
N PRO A 120 29.45 -6.69 0.72
CA PRO A 120 30.56 -7.22 1.51
C PRO A 120 30.02 -8.02 2.69
N ASP A 121 30.82 -8.99 3.16
CA ASP A 121 30.45 -9.83 4.29
C ASP A 121 30.32 -8.97 5.56
N GLU A 122 31.13 -7.90 5.66
CA GLU A 122 31.00 -6.94 6.75
C GLU A 122 31.02 -5.53 6.16
N ILE A 123 30.00 -4.74 6.52
CA ILE A 123 29.93 -3.33 6.18
C ILE A 123 30.06 -2.52 7.47
N TYR A 124 31.09 -1.67 7.53
CA TYR A 124 31.35 -0.85 8.71
C TYR A 124 31.04 0.60 8.41
N ALA A 125 30.05 1.17 9.12
CA ALA A 125 29.55 2.52 8.86
C ALA A 125 30.03 3.49 9.95
N PRO A 126 30.81 4.54 9.61
CA PRO A 126 31.35 5.46 10.62
C PRO A 126 30.32 6.04 11.58
N PHE A 127 29.11 6.36 11.08
CA PHE A 127 28.07 6.97 11.90
C PHE A 127 26.88 6.02 12.08
N GLY A 128 27.04 4.73 11.74
CA GLY A 128 26.02 3.73 11.98
C GLY A 128 24.81 3.84 11.04
N PHE A 129 24.99 4.61 9.97
CA PHE A 129 23.91 4.98 9.05
C PHE A 129 24.55 5.25 7.70
N LEU A 130 23.97 4.69 6.62
CA LEU A 130 24.46 4.89 5.27
C LEU A 130 23.28 5.10 4.31
N LEU A 131 23.51 5.98 3.34
CA LEU A 131 22.62 6.11 2.19
C LEU A 131 23.39 5.73 0.93
N SER A 132 22.63 5.52 -0.15
CA SER A 132 23.19 5.29 -1.48
C SER A 132 23.20 6.60 -2.25
N PRO A 133 24.29 6.96 -2.96
CA PRO A 133 24.26 8.12 -3.87
C PRO A 133 23.51 7.81 -5.16
N TRP A 134 23.15 6.52 -5.34
CA TRP A 134 22.51 6.02 -6.54
C TRP A 134 21.05 5.68 -6.24
N SER A 135 20.15 6.00 -7.17
CA SER A 135 18.77 5.57 -7.11
C SER A 135 18.13 5.64 -8.49
N GLN A 136 17.36 4.60 -8.83
CA GLN A 136 16.55 4.55 -10.04
C GLN A 136 17.41 4.78 -11.28
N GLY A 137 18.65 4.29 -11.24
CA GLY A 137 19.57 4.35 -12.37
C GLY A 137 20.34 5.66 -12.47
N ALA A 138 20.13 6.57 -11.51
CA ALA A 138 20.79 7.87 -11.52
C ALA A 138 21.82 7.94 -10.40
N ASN A 139 22.95 8.58 -10.68
CA ASN A 139 24.02 8.77 -9.70
C ASN A 139 23.94 10.18 -9.12
N ASN A 140 24.56 10.35 -7.94
CA ASN A 140 24.65 11.64 -7.27
C ASN A 140 23.26 12.22 -7.08
N THR A 141 22.38 11.42 -6.45
CA THR A 141 21.00 11.79 -6.23
C THR A 141 20.64 11.40 -4.79
N LEU A 142 19.50 11.89 -4.30
CA LEU A 142 19.01 11.48 -3.00
C LEU A 142 17.72 10.69 -3.18
N CYS A 143 17.67 9.51 -2.56
CA CYS A 143 16.45 8.74 -2.50
C CYS A 143 16.40 7.99 -1.17
N ASN A 144 15.28 7.31 -0.94
CA ASN A 144 15.02 6.63 0.31
C ASN A 144 14.80 5.14 0.08
N ASP A 145 15.16 4.63 -1.11
CA ASP A 145 14.83 3.25 -1.46
C ASP A 145 15.98 2.31 -1.10
N ILE A 146 17.08 2.87 -0.58
CA ILE A 146 18.21 2.11 -0.08
C ILE A 146 18.71 2.80 1.19
N ILE A 147 18.64 2.09 2.32
CA ILE A 147 19.02 2.65 3.62
C ILE A 147 19.67 1.55 4.44
N LEU A 148 20.84 1.86 5.03
CA LEU A 148 21.57 0.90 5.85
C LEU A 148 21.80 1.50 7.24
N CYS A 149 21.70 0.67 8.28
CA CYS A 149 22.07 1.15 9.61
C CYS A 149 22.41 0.00 10.55
N SER A 150 23.04 0.37 11.67
CA SER A 150 23.24 -0.53 12.79
C SER A 150 22.04 -0.42 13.74
N LYS A 151 21.64 -1.54 14.32
CA LYS A 151 20.46 -1.59 15.17
C LYS A 151 20.49 -0.45 16.20
N GLY A 152 19.38 0.28 16.31
CA GLY A 152 19.21 1.29 17.35
C GLY A 152 19.92 2.60 17.05
N ASN A 153 20.29 2.82 15.78
CA ASN A 153 21.03 4.00 15.37
C ASN A 153 20.17 5.24 15.63
N GLN A 154 20.80 6.29 16.19
CA GLN A 154 20.09 7.49 16.64
C GLN A 154 19.60 8.33 15.47
N ILE A 155 20.35 8.38 14.36
CA ILE A 155 19.91 9.13 13.20
C ILE A 155 18.62 8.49 12.67
N ILE A 156 18.61 7.17 12.56
CA ILE A 156 17.43 6.45 12.09
C ILE A 156 16.27 6.70 13.04
N GLN A 157 16.53 6.69 14.36
CA GLN A 157 15.48 6.91 15.34
C GLN A 157 14.90 8.33 15.18
N GLN A 158 15.77 9.33 14.97
CA GLN A 158 15.30 10.69 14.83
C GLN A 158 14.44 10.82 13.57
N LEU A 159 14.86 10.18 12.48
CA LEU A 159 14.11 10.20 11.23
C LEU A 159 12.73 9.55 11.42
N ALA A 160 12.66 8.45 12.18
CA ALA A 160 11.40 7.77 12.43
C ALA A 160 10.43 8.68 13.18
N ASP A 161 10.93 9.40 14.18
CA ASP A 161 10.12 10.34 14.94
C ASP A 161 9.64 11.48 14.05
N ALA A 162 10.55 12.01 13.22
CA ALA A 162 10.26 13.15 12.37
C ALA A 162 9.24 12.77 11.29
N ILE A 163 9.33 11.55 10.74
CA ILE A 163 8.42 11.16 9.68
C ILE A 163 7.02 10.94 10.24
N GLU A 164 6.93 10.48 11.49
CA GLU A 164 5.65 10.34 12.17
C GLU A 164 4.99 11.72 12.28
N GLN A 165 5.77 12.72 12.70
CA GLN A 165 5.26 14.07 12.85
C GLN A 165 4.85 14.65 11.48
N SER A 166 5.67 14.38 10.46
CA SER A 166 5.38 14.85 9.12
C SER A 166 4.04 14.27 8.64
N TYR A 167 3.88 12.96 8.83
CA TYR A 167 2.67 12.26 8.39
C TYR A 167 1.44 12.80 9.13
N ILE A 168 1.55 12.98 10.45
CA ILE A 168 0.44 13.46 11.24
C ILE A 168 0.00 14.84 10.74
N ALA A 169 0.95 15.63 10.23
CA ALA A 169 0.68 16.98 9.77
C ALA A 169 0.35 17.01 8.27
N ARG A 170 0.10 15.85 7.66
CA ARG A 170 -0.03 15.76 6.20
C ARG A 170 -1.14 16.67 5.68
N ASP A 171 -2.25 16.80 6.42
CA ASP A 171 -3.41 17.54 5.92
C ASP A 171 -3.24 19.05 6.12
N SER A 172 -2.13 19.47 6.74
CA SER A 172 -1.75 20.88 6.79
C SER A 172 -0.67 21.17 5.74
N PHE A 173 -0.33 20.17 4.92
CA PHE A 173 0.78 20.28 3.99
C PHE A 173 0.40 21.19 2.83
N GLU A 174 1.20 22.25 2.63
CA GLU A 174 0.93 23.25 1.60
C GLU A 174 1.86 23.00 0.42
N PHE A 175 1.31 23.10 -0.79
CA PHE A 175 2.08 22.93 -2.01
C PHE A 175 2.80 24.23 -2.34
N THR A 176 3.93 24.46 -1.67
CA THR A 176 4.77 25.63 -1.89
C THR A 176 6.17 25.18 -2.29
N HIS A 177 7.05 26.15 -2.56
CA HIS A 177 8.45 25.88 -2.86
C HIS A 177 8.54 24.96 -4.07
N GLU A 178 9.09 23.75 -3.88
CA GLU A 178 9.26 22.79 -4.97
C GLU A 178 7.97 22.03 -5.19
N TYR A 179 7.09 22.00 -4.17
CA TYR A 179 5.91 21.15 -4.16
C TYR A 179 4.78 21.80 -4.97
N ALA A 180 4.80 23.13 -5.08
CA ALA A 180 3.87 23.85 -5.93
C ALA A 180 4.06 23.39 -7.37
N SER A 181 5.31 23.39 -7.81
CA SER A 181 5.69 22.90 -9.12
C SER A 181 5.35 21.42 -9.27
N MET A 182 5.70 20.65 -8.23
CA MET A 182 5.60 19.20 -8.28
C MET A 182 4.14 18.78 -8.46
N LYS A 183 3.23 19.52 -7.81
CA LYS A 183 1.80 19.30 -7.94
C LYS A 183 1.38 19.39 -9.41
N GLU A 184 1.88 20.42 -10.10
CA GLU A 184 1.51 20.68 -11.48
C GLU A 184 2.07 19.59 -12.40
N THR A 185 3.34 19.23 -12.20
CA THR A 185 4.02 18.28 -13.08
C THR A 185 3.60 16.85 -12.76
N LYS A 186 3.71 16.46 -11.49
CA LYS A 186 3.60 15.07 -11.08
C LYS A 186 2.18 14.73 -10.63
N GLY A 187 1.40 15.74 -10.21
CA GLY A 187 0.07 15.52 -9.66
C GLY A 187 0.08 15.55 -8.14
N GLU A 188 -1.11 15.69 -7.55
CA GLU A 188 -1.26 16.03 -6.14
C GLU A 188 -0.80 14.86 -5.25
N ARG A 189 -1.19 13.63 -5.62
CA ARG A 189 -0.89 12.45 -4.83
C ARG A 189 0.63 12.22 -4.73
N ILE A 190 1.31 12.28 -5.89
CA ILE A 190 2.74 12.04 -5.92
C ILE A 190 3.48 13.15 -5.18
N ALA A 191 3.13 14.41 -5.45
CA ALA A 191 3.77 15.55 -4.83
C ALA A 191 3.69 15.46 -3.31
N LYS A 192 2.49 15.15 -2.79
CA LYS A 192 2.25 15.14 -1.36
C LYS A 192 3.02 13.99 -0.71
N THR A 193 3.05 12.84 -1.38
CA THR A 193 3.77 11.68 -0.85
C THR A 193 5.26 12.01 -0.73
N LEU A 194 5.85 12.55 -1.80
CA LEU A 194 7.27 12.85 -1.84
C LEU A 194 7.63 13.87 -0.75
N GLY A 195 6.73 14.83 -0.50
CA GLY A 195 6.96 15.88 0.48
C GLY A 195 6.75 15.44 1.92
N VAL A 196 5.83 14.49 2.16
CA VAL A 196 5.42 14.15 3.52
C VAL A 196 6.27 12.99 4.06
N THR A 197 6.47 11.94 3.26
CA THR A 197 7.23 10.79 3.74
C THR A 197 8.40 10.42 2.81
N GLY A 198 8.41 10.97 1.59
CA GLY A 198 9.33 10.51 0.56
C GLY A 198 10.64 11.29 0.57
N PRO A 199 11.43 11.24 -0.53
CA PRO A 199 12.72 11.92 -0.61
C PRO A 199 12.71 13.42 -0.37
N GLY A 200 11.56 14.08 -0.56
CA GLY A 200 11.40 15.48 -0.20
C GLY A 200 11.50 15.67 1.31
N PHE A 201 10.67 14.94 2.05
CA PHE A 201 10.74 14.90 3.50
C PHE A 201 12.18 14.60 3.93
N LEU A 202 12.80 13.58 3.32
CA LEU A 202 14.12 13.15 3.76
C LEU A 202 15.12 14.29 3.57
N PHE A 203 15.07 14.94 2.40
CA PHE A 203 15.97 16.03 2.07
C PHE A 203 15.92 17.09 3.17
N HIS A 204 14.71 17.59 3.45
CA HIS A 204 14.51 18.67 4.41
C HIS A 204 14.96 18.24 5.80
N GLN A 205 14.69 16.98 6.19
CA GLN A 205 15.04 16.50 7.51
C GLN A 205 16.57 16.37 7.63
N LEU A 206 17.23 15.89 6.56
CA LEU A 206 18.67 15.76 6.56
C LEU A 206 19.34 17.13 6.60
N LYS A 207 18.72 18.14 5.96
CA LYS A 207 19.27 19.49 6.00
C LYS A 207 19.17 20.05 7.42
N LYS A 208 17.99 19.87 8.05
CA LYS A 208 17.77 20.34 9.41
C LYS A 208 18.77 19.67 10.36
N MET A 209 19.11 18.40 10.09
CA MET A 209 20.00 17.64 10.96
C MET A 209 21.46 17.95 10.68
N GLY A 210 21.74 18.63 9.55
CA GLY A 210 23.09 19.03 9.20
C GLY A 210 23.88 17.92 8.48
N ILE A 211 23.16 16.88 8.04
CA ILE A 211 23.76 15.79 7.29
C ILE A 211 23.97 16.24 5.83
N LEU A 212 23.09 17.13 5.36
CA LEU A 212 23.31 17.83 4.10
C LEU A 212 23.55 19.31 4.40
N ASN A 213 24.52 19.92 3.70
CA ASN A 213 24.99 21.26 4.00
C ASN A 213 24.30 22.26 3.07
N ASP A 214 24.77 23.52 3.09
CA ASP A 214 24.10 24.60 2.38
C ASP A 214 24.25 24.48 0.87
N LYS A 215 25.22 23.67 0.41
CA LYS A 215 25.47 23.49 -1.01
C LYS A 215 24.49 22.49 -1.62
N SER A 216 23.76 21.75 -0.78
CA SER A 216 22.85 20.69 -1.23
C SER A 216 21.47 21.26 -1.51
N GLU A 217 20.89 20.89 -2.67
CA GLU A 217 19.55 21.30 -3.06
C GLU A 217 18.72 20.08 -3.48
N MET A 218 17.39 20.23 -3.45
CA MET A 218 16.44 19.17 -3.73
C MET A 218 16.84 18.43 -5.01
N GLU A 219 17.05 19.18 -6.10
CA GLU A 219 17.30 18.61 -7.41
C GLU A 219 18.77 18.68 -7.78
N ALA A 220 19.63 18.99 -6.80
CA ALA A 220 21.06 18.97 -6.97
C ALA A 220 21.72 18.73 -5.61
N ILE A 221 21.81 17.45 -5.23
CA ILE A 221 22.20 17.08 -3.87
C ILE A 221 23.68 17.36 -3.66
N HIS A 222 24.49 17.18 -4.72
CA HIS A 222 25.92 17.47 -4.68
C HIS A 222 26.58 16.68 -3.56
N TRP A 223 26.46 15.35 -3.63
CA TRP A 223 27.10 14.48 -2.66
C TRP A 223 28.62 14.71 -2.63
N GLU A 224 29.20 15.11 -3.76
CA GLU A 224 30.64 15.31 -3.83
C GLU A 224 31.08 16.49 -2.97
N LEU A 225 30.13 17.33 -2.53
CA LEU A 225 30.42 18.45 -1.65
C LEU A 225 29.99 18.14 -0.21
N GLN A 226 29.47 16.94 0.05
CA GLN A 226 28.97 16.57 1.36
C GLN A 226 30.00 15.71 2.08
N ASP A 227 29.66 15.32 3.32
CA ASP A 227 30.42 14.34 4.07
C ASP A 227 30.09 12.95 3.53
N GLN A 228 31.03 12.38 2.74
CA GLN A 228 30.76 11.14 2.02
C GLN A 228 30.84 9.93 2.94
N ARG A 229 31.14 10.12 4.24
CA ARG A 229 31.12 9.02 5.20
C ARG A 229 29.69 8.58 5.50
N TYR A 230 28.68 9.36 5.06
CA TYR A 230 27.29 8.96 5.15
C TYR A 230 26.88 8.03 4.01
N LEU A 231 27.79 7.81 3.04
CA LEU A 231 27.45 7.04 1.85
C LEU A 231 28.05 5.64 1.91
N ILE A 232 27.33 4.69 1.30
CA ILE A 232 27.82 3.33 1.13
C ILE A 232 29.16 3.39 0.38
N ASP A 233 30.13 2.65 0.92
CA ASP A 233 31.51 2.62 0.44
C ASP A 233 32.19 3.99 0.54
N GLY A 234 31.58 4.90 1.33
CA GLY A 234 32.15 6.20 1.62
C GLY A 234 32.44 7.03 0.36
N SER A 235 31.63 6.85 -0.69
CA SER A 235 31.90 7.50 -1.96
C SER A 235 30.62 7.77 -2.75
N VAL A 236 30.65 8.86 -3.52
CA VAL A 236 29.57 9.25 -4.42
C VAL A 236 29.61 8.39 -5.69
N LYS A 237 30.65 7.57 -5.87
CA LYS A 237 30.77 6.75 -7.07
C LYS A 237 29.62 5.74 -7.09
N GLU A 238 29.25 5.31 -8.31
CA GLU A 238 28.16 4.37 -8.49
C GLU A 238 28.47 3.07 -7.75
N PRO A 239 27.63 2.62 -6.79
CA PRO A 239 27.86 1.34 -6.12
C PRO A 239 27.71 0.15 -7.07
N ASP A 240 28.51 -0.89 -6.83
CA ASP A 240 28.51 -2.09 -7.66
C ASP A 240 27.20 -2.87 -7.51
N TYR A 241 26.47 -2.64 -6.40
CA TYR A 241 25.48 -3.59 -5.92
C TYR A 241 24.15 -3.48 -6.67
N PHE A 242 23.84 -2.29 -7.22
CA PHE A 242 22.49 -1.97 -7.65
C PHE A 242 22.43 -1.78 -9.17
N TYR A 243 21.36 -2.29 -9.78
CA TYR A 243 21.12 -2.11 -11.20
C TYR A 243 19.62 -2.02 -11.47
N VAL A 244 19.26 -1.13 -12.41
CA VAL A 244 17.94 -1.16 -13.04
C VAL A 244 18.14 -0.94 -14.54
N PRO A 245 17.29 -1.55 -15.40
CA PRO A 245 17.34 -1.26 -16.83
C PRO A 245 16.66 0.07 -17.14
N GLN A 246 17.04 0.68 -18.26
CA GLN A 246 16.54 1.98 -18.67
C GLN A 246 15.02 1.95 -18.84
N ASN A 247 14.47 0.80 -19.28
CA ASN A 247 13.07 0.71 -19.62
C ASN A 247 12.20 0.43 -18.39
N ASN A 248 12.82 0.25 -17.22
CA ASN A 248 12.08 0.10 -15.98
C ASN A 248 12.97 0.47 -14.80
N THR A 249 13.10 1.79 -14.57
CA THR A 249 13.97 2.33 -13.53
C THR A 249 13.32 2.18 -12.15
N ASN A 250 11.99 2.14 -12.12
CA ASN A 250 11.24 1.96 -10.89
C ASN A 250 9.81 1.54 -11.25
N ASP A 251 9.05 1.07 -10.25
CA ASP A 251 7.76 0.43 -10.49
C ASP A 251 6.60 1.41 -10.28
N ALA A 252 6.78 2.42 -9.41
CA ALA A 252 5.74 3.35 -9.04
C ALA A 252 4.46 2.62 -8.63
N SER A 253 4.62 1.55 -7.85
CA SER A 253 3.55 0.61 -7.57
C SER A 253 2.51 1.19 -6.61
N TRP A 254 2.90 2.23 -5.86
CA TRP A 254 2.04 2.82 -4.83
C TRP A 254 1.15 3.92 -5.40
N VAL A 255 1.39 4.33 -6.66
CA VAL A 255 0.77 5.53 -7.21
C VAL A 255 -0.73 5.33 -7.40
N PRO A 256 -1.21 4.19 -7.97
CA PRO A 256 -2.64 3.94 -8.06
C PRO A 256 -3.30 3.96 -6.69
N SER A 257 -4.47 4.59 -6.59
CA SER A 257 -5.27 4.56 -5.38
C SER A 257 -6.26 3.40 -5.49
N ILE A 258 -6.03 2.36 -4.68
CA ILE A 258 -6.78 1.12 -4.76
C ILE A 258 -7.30 0.80 -3.36
N LYS A 259 -8.56 0.33 -3.28
CA LYS A 259 -9.11 -0.16 -2.03
C LYS A 259 -8.26 -1.30 -1.48
N ARG A 260 -8.09 -1.35 -0.15
CA ARG A 260 -7.36 -2.44 0.46
C ARG A 260 -8.23 -3.70 0.41
N PRO A 261 -7.65 -4.90 0.62
CA PRO A 261 -8.40 -6.15 0.49
C PRO A 261 -9.69 -6.20 1.30
N GLY A 262 -10.79 -6.58 0.63
CA GLY A 262 -12.00 -7.02 1.30
C GLY A 262 -12.97 -5.89 1.64
N ILE A 263 -12.66 -4.64 1.27
CA ILE A 263 -13.53 -3.51 1.59
C ILE A 263 -14.95 -3.79 1.08
N GLU A 264 -15.03 -4.27 -0.17
CA GLU A 264 -16.29 -4.55 -0.86
C GLU A 264 -17.11 -5.65 -0.18
N ASN A 265 -16.49 -6.42 0.72
CA ASN A 265 -17.18 -7.51 1.40
C ASN A 265 -17.50 -7.17 2.86
N MET A 266 -17.10 -5.97 3.30
CA MET A 266 -17.36 -5.55 4.67
C MET A 266 -18.76 -4.95 4.77
N SER A 267 -19.34 -5.01 5.96
CA SER A 267 -20.64 -4.39 6.22
C SER A 267 -20.48 -2.88 6.27
N PHE A 268 -21.57 -2.16 5.99
CA PHE A 268 -21.55 -0.70 6.10
C PHE A 268 -21.16 -0.29 7.51
N GLN A 269 -21.72 -0.98 8.52
CA GLN A 269 -21.48 -0.63 9.91
C GLN A 269 -20.01 -0.79 10.26
N GLU A 270 -19.38 -1.86 9.74
CA GLU A 270 -17.95 -2.09 9.93
C GLU A 270 -17.15 -0.92 9.36
N ARG A 271 -17.46 -0.56 8.11
CA ARG A 271 -16.71 0.46 7.41
C ARG A 271 -16.91 1.81 8.10
N LEU A 272 -18.15 2.08 8.53
CA LEU A 272 -18.46 3.34 9.20
C LEU A 272 -17.61 3.47 10.47
N GLU A 273 -17.58 2.41 11.29
CA GLU A 273 -16.85 2.47 12.54
C GLU A 273 -15.35 2.61 12.29
N ASN A 274 -14.85 1.98 11.23
CA ASN A 274 -13.46 2.15 10.84
C ASN A 274 -13.19 3.64 10.62
N ALA A 275 -14.06 4.29 9.84
CA ALA A 275 -13.95 5.72 9.55
C ALA A 275 -13.99 6.55 10.83
N VAL A 276 -14.86 6.18 11.76
CA VAL A 276 -15.04 6.93 13.01
C VAL A 276 -13.74 6.90 13.80
N GLN A 277 -13.12 5.71 13.91
CA GLN A 277 -11.89 5.56 14.67
C GLN A 277 -10.77 6.36 14.02
N LEU A 278 -10.69 6.34 12.68
CA LEU A 278 -9.66 7.06 11.96
C LEU A 278 -9.82 8.56 12.17
N ILE A 279 -11.07 9.06 12.09
CA ILE A 279 -11.35 10.47 12.32
C ILE A 279 -10.92 10.84 13.74
N ALA A 280 -11.25 9.97 14.71
CA ALA A 280 -10.94 10.23 16.11
C ALA A 280 -9.44 10.48 16.28
N PHE A 281 -8.61 9.67 15.60
CA PHE A 281 -7.16 9.82 15.64
C PHE A 281 -6.75 11.18 15.08
N ASP A 282 -7.28 11.54 13.90
CA ASP A 282 -7.00 12.82 13.27
C ASP A 282 -7.30 13.96 14.25
N ILE A 283 -8.46 13.89 14.92
CA ILE A 283 -8.90 14.94 15.83
C ILE A 283 -7.96 15.01 17.02
N GLN A 284 -7.64 13.86 17.61
CA GLN A 284 -6.82 13.82 18.82
C GLN A 284 -5.42 14.36 18.54
N LYS A 285 -4.88 14.09 17.35
CA LYS A 285 -3.49 14.41 17.05
C LYS A 285 -3.34 15.85 16.57
N THR A 286 -4.31 16.34 15.77
CA THR A 286 -4.18 17.60 15.06
C THR A 286 -5.33 18.55 15.30
N GLY A 287 -6.49 18.03 15.75
CA GLY A 287 -7.70 18.83 15.87
C GLY A 287 -8.35 19.11 14.52
N LEU A 288 -7.79 18.50 13.46
CA LEU A 288 -8.22 18.76 12.10
C LEU A 288 -8.54 17.42 11.44
N PHE A 289 -9.69 17.35 10.76
CA PHE A 289 -10.01 16.19 9.96
C PHE A 289 -10.75 16.61 8.69
N ASN A 290 -10.42 15.90 7.60
CA ASN A 290 -11.11 16.04 6.33
C ASN A 290 -12.28 15.06 6.33
N LEU A 291 -13.48 15.58 6.62
CA LEU A 291 -14.67 14.75 6.65
C LEU A 291 -14.94 14.16 5.26
N ASP A 292 -14.63 14.92 4.21
CA ASP A 292 -14.95 14.52 2.85
C ASP A 292 -14.10 13.35 2.40
N HIS A 293 -12.85 13.28 2.90
CA HIS A 293 -11.98 12.15 2.59
C HIS A 293 -12.69 10.85 2.96
N TYR A 294 -13.18 10.79 4.19
CA TYR A 294 -13.78 9.59 4.75
C TYR A 294 -15.10 9.27 4.05
N ALA A 295 -15.93 10.29 3.82
CA ALA A 295 -17.22 10.12 3.17
C ALA A 295 -17.04 9.65 1.73
N ASN A 296 -16.05 10.22 1.02
CA ASN A 296 -15.82 9.90 -0.38
C ASN A 296 -15.25 8.49 -0.53
N GLU A 297 -14.55 7.98 0.49
CA GLU A 297 -14.11 6.59 0.49
C GLU A 297 -15.32 5.67 0.73
N LEU A 298 -16.10 6.00 1.77
CA LEU A 298 -17.16 5.13 2.27
C LEU A 298 -18.26 4.91 1.24
N LYS A 299 -18.46 5.88 0.32
CA LYS A 299 -19.56 5.81 -0.63
C LYS A 299 -19.31 4.74 -1.69
N VAL A 300 -18.04 4.32 -1.85
CA VAL A 300 -17.67 3.39 -2.90
C VAL A 300 -18.10 1.99 -2.52
N LYS A 301 -18.98 1.39 -3.32
CA LYS A 301 -19.37 0.01 -3.16
C LYS A 301 -19.12 -0.75 -4.47
N GLN A 302 -18.02 -1.50 -4.50
CA GLN A 302 -17.73 -2.40 -5.61
C GLN A 302 -18.38 -3.76 -5.31
N ASN A 303 -18.28 -4.69 -6.27
CA ASN A 303 -18.97 -5.96 -6.19
C ASN A 303 -18.49 -6.79 -5.00
N SER A 304 -19.45 -7.30 -4.21
CA SER A 304 -19.16 -8.32 -3.21
C SER A 304 -18.96 -9.66 -3.91
N TRP A 305 -18.10 -10.51 -3.34
CA TRP A 305 -17.71 -11.73 -4.02
C TRP A 305 -17.14 -12.74 -3.03
N CYS A 306 -17.14 -14.01 -3.46
CA CYS A 306 -16.60 -15.12 -2.69
C CYS A 306 -16.14 -16.21 -3.64
N ILE A 307 -14.97 -16.80 -3.35
CA ILE A 307 -14.50 -17.98 -4.04
C ILE A 307 -14.53 -19.14 -3.04
N ALA A 308 -15.26 -20.21 -3.38
CA ALA A 308 -15.51 -21.30 -2.44
C ALA A 308 -15.52 -22.64 -3.17
N ALA A 309 -15.47 -23.72 -2.38
CA ALA A 309 -15.52 -25.08 -2.90
C ALA A 309 -16.95 -25.45 -3.25
N GLU A 310 -17.89 -24.84 -2.54
CA GLU A 310 -19.33 -25.07 -2.80
C GLU A 310 -20.12 -24.02 -2.02
N THR A 311 -21.43 -23.96 -2.23
CA THR A 311 -22.32 -22.98 -1.64
C THR A 311 -21.96 -22.74 -0.18
N SER A 312 -21.52 -21.52 0.13
CA SER A 312 -21.04 -21.15 1.46
C SER A 312 -22.12 -21.40 2.51
N PRO A 313 -21.73 -21.58 3.79
CA PRO A 313 -22.67 -21.89 4.86
C PRO A 313 -23.71 -20.77 4.95
N GLU A 314 -23.55 -19.76 4.11
CA GLU A 314 -24.42 -18.57 4.22
C GLU A 314 -24.19 -17.74 2.96
N LEU A 315 -25.26 -17.32 2.31
CA LEU A 315 -25.08 -16.59 1.06
C LEU A 315 -25.13 -15.09 1.34
N LYS A 316 -24.32 -14.33 0.59
CA LYS A 316 -24.29 -12.88 0.69
C LYS A 316 -25.20 -12.33 -0.40
N PRO A 317 -26.25 -11.53 -0.06
CA PRO A 317 -27.14 -10.98 -1.09
C PRO A 317 -26.43 -9.94 -1.95
N ASP A 318 -26.73 -9.98 -3.26
CA ASP A 318 -26.16 -9.08 -4.24
C ASP A 318 -24.64 -9.24 -4.26
N SER A 319 -24.18 -10.41 -4.72
CA SER A 319 -22.77 -10.75 -4.74
C SER A 319 -22.49 -11.80 -5.81
N TYR A 320 -21.20 -12.01 -6.10
CA TYR A 320 -20.77 -13.10 -6.96
C TYR A 320 -20.25 -14.25 -6.10
N LEU A 321 -20.62 -15.48 -6.48
CA LEU A 321 -20.08 -16.68 -5.85
C LEU A 321 -19.46 -17.55 -6.93
N LEU A 322 -18.15 -17.78 -6.81
CA LEU A 322 -17.41 -18.60 -7.77
C LEU A 322 -17.05 -19.93 -7.10
N ILE A 323 -17.42 -21.03 -7.78
CA ILE A 323 -17.23 -22.36 -7.27
C ILE A 323 -16.17 -23.07 -8.10
N ARG A 324 -15.12 -23.56 -7.45
CA ARG A 324 -14.06 -24.28 -8.13
C ARG A 324 -14.57 -25.69 -8.49
N PRO A 325 -14.03 -26.32 -9.55
CA PRO A 325 -14.41 -27.69 -9.90
C PRO A 325 -13.90 -28.71 -8.88
N ARG A 326 -14.58 -29.87 -8.83
CA ARG A 326 -14.20 -30.96 -7.94
C ARG A 326 -12.89 -31.59 -8.42
N ASP A 327 -12.65 -31.53 -9.74
CA ASP A 327 -11.42 -32.04 -10.34
C ASP A 327 -10.77 -30.93 -11.15
N LYS A 328 -9.48 -31.12 -11.48
CA LYS A 328 -8.68 -30.11 -12.14
C LYS A 328 -9.14 -29.85 -13.57
N THR A 329 -9.93 -30.79 -14.12
CA THR A 329 -10.39 -30.71 -15.50
C THR A 329 -11.77 -30.06 -15.60
N GLY A 330 -12.55 -30.10 -14.51
CA GLY A 330 -13.92 -29.62 -14.50
C GLY A 330 -14.02 -28.10 -14.66
N GLU A 331 -15.20 -27.62 -15.08
CA GLU A 331 -15.45 -26.21 -15.31
C GLU A 331 -15.82 -25.53 -13.99
N TRP A 332 -15.51 -24.23 -13.91
CA TRP A 332 -15.93 -23.40 -12.78
C TRP A 332 -17.41 -23.07 -12.93
N THR A 333 -18.06 -22.68 -11.83
CA THR A 333 -19.41 -22.19 -11.86
C THR A 333 -19.49 -20.83 -11.17
N LEU A 334 -19.87 -19.80 -11.94
CA LEU A 334 -20.10 -18.47 -11.40
C LEU A 334 -21.60 -18.25 -11.20
N TYR A 335 -21.96 -17.80 -10.00
CA TYR A 335 -23.33 -17.42 -9.69
C TYR A 335 -23.39 -15.93 -9.38
N TYR A 336 -24.42 -15.25 -9.90
CA TYR A 336 -24.86 -14.00 -9.30
C TYR A 336 -25.88 -14.31 -8.22
N VAL A 337 -25.52 -14.02 -6.97
CA VAL A 337 -26.42 -14.14 -5.84
C VAL A 337 -27.19 -12.82 -5.74
N ASP A 338 -28.49 -12.85 -6.03
CA ASP A 338 -29.27 -11.62 -6.10
C ASP A 338 -29.70 -11.20 -4.70
N GLU A 339 -30.51 -10.14 -4.63
CA GLU A 339 -30.85 -9.49 -3.37
C GLU A 339 -31.68 -10.40 -2.48
N ASP A 340 -32.31 -11.44 -3.07
CA ASP A 340 -33.11 -12.39 -2.34
C ASP A 340 -32.34 -13.69 -2.11
N LYS A 341 -31.02 -13.66 -2.35
CA LYS A 341 -30.11 -14.78 -2.11
C LYS A 341 -30.41 -15.95 -3.04
N LYS A 342 -30.91 -15.67 -4.25
CA LYS A 342 -31.10 -16.71 -5.26
C LYS A 342 -29.81 -16.87 -6.07
N LEU A 343 -29.37 -18.13 -6.24
CA LEU A 343 -28.23 -18.45 -7.06
C LEU A 343 -28.64 -18.42 -8.53
N ASN A 344 -28.17 -17.40 -9.26
CA ASN A 344 -28.40 -17.29 -10.70
C ASN A 344 -27.13 -17.71 -11.44
N PRO A 345 -27.11 -18.87 -12.13
CA PRO A 345 -25.90 -19.34 -12.80
C PRO A 345 -25.54 -18.45 -13.98
N VAL A 346 -24.26 -18.05 -14.05
CA VAL A 346 -23.77 -17.16 -15.09
C VAL A 346 -23.02 -18.03 -16.10
N THR A 347 -23.59 -18.17 -17.30
CA THR A 347 -23.09 -19.09 -18.30
C THR A 347 -22.93 -18.39 -19.63
N LEU A 348 -22.16 -19.02 -20.51
CA LEU A 348 -21.88 -18.49 -21.84
C LEU A 348 -22.10 -19.59 -22.86
N PRO A 349 -22.66 -19.29 -24.05
CA PRO A 349 -22.78 -20.29 -25.12
C PRO A 349 -21.41 -20.66 -25.67
N VAL A 350 -21.27 -21.92 -26.09
CA VAL A 350 -20.08 -22.38 -26.78
C VAL A 350 -20.13 -21.83 -28.20
N ILE A 351 -19.09 -21.07 -28.59
CA ILE A 351 -19.09 -20.38 -29.87
C ILE A 351 -17.93 -20.91 -30.73
N LYS A 352 -18.12 -20.81 -32.05
CA LYS A 352 -17.11 -21.13 -33.04
C LYS A 352 -17.48 -20.45 -34.36
N GLY A 353 -16.62 -20.62 -35.37
CA GLY A 353 -16.89 -20.10 -36.70
C GLY A 353 -16.52 -18.62 -36.82
N ALA A 354 -17.45 -17.82 -37.38
CA ALA A 354 -17.25 -16.40 -37.53
C ALA A 354 -17.21 -15.74 -36.15
N ILE A 355 -16.13 -14.99 -35.87
CA ILE A 355 -15.96 -14.37 -34.56
C ILE A 355 -16.85 -13.13 -34.47
N LYS A 356 -17.72 -13.12 -33.45
CA LYS A 356 -18.51 -11.95 -33.11
C LYS A 356 -17.64 -11.01 -32.29
N LEU A 357 -17.64 -9.72 -32.67
CA LEU A 357 -16.76 -8.72 -32.11
C LEU A 357 -17.28 -8.26 -30.74
N SER A 358 -18.57 -8.53 -30.48
CA SER A 358 -19.16 -8.29 -29.18
C SER A 358 -18.65 -9.31 -28.16
N GLU A 359 -18.46 -10.55 -28.61
CA GLU A 359 -18.13 -11.67 -27.73
C GLU A 359 -16.67 -11.61 -27.30
N VAL A 360 -15.78 -11.16 -28.19
CA VAL A 360 -14.37 -11.01 -27.86
C VAL A 360 -14.20 -9.89 -26.83
N SER A 361 -15.13 -8.92 -26.86
CA SER A 361 -15.10 -7.79 -25.94
C SER A 361 -16.03 -8.00 -24.75
N ASP A 362 -16.53 -9.23 -24.58
CA ASP A 362 -17.47 -9.56 -23.52
C ASP A 362 -16.70 -9.69 -22.21
N PRO A 363 -17.09 -8.96 -21.13
CA PRO A 363 -16.48 -9.14 -19.80
C PRO A 363 -16.46 -10.59 -19.31
N LEU A 364 -17.54 -11.33 -19.58
CA LEU A 364 -17.72 -12.68 -19.05
C LEU A 364 -16.78 -13.67 -19.76
N ARG A 365 -16.53 -13.45 -21.06
CA ARG A 365 -15.65 -14.33 -21.81
C ARG A 365 -14.20 -14.08 -21.43
N LYS A 366 -13.85 -12.81 -21.20
CA LYS A 366 -12.53 -12.45 -20.69
C LYS A 366 -12.32 -13.12 -19.32
N PHE A 367 -13.36 -13.12 -18.48
CA PHE A 367 -13.31 -13.76 -17.18
C PHE A 367 -13.09 -15.27 -17.36
N HIS A 368 -13.86 -15.88 -18.27
CA HIS A 368 -13.79 -17.31 -18.51
C HIS A 368 -12.38 -17.70 -18.95
N THR A 369 -11.77 -16.87 -19.80
CA THR A 369 -10.41 -17.09 -20.26
C THR A 369 -9.45 -17.08 -19.08
N LEU A 370 -9.64 -16.14 -18.15
CA LEU A 370 -8.78 -16.00 -16.99
C LEU A 370 -8.81 -17.27 -16.16
N LEU A 371 -10.01 -17.83 -15.96
CA LEU A 371 -10.19 -19.03 -15.15
C LEU A 371 -9.51 -20.24 -15.81
N SER A 372 -9.53 -20.28 -17.15
CA SER A 372 -9.00 -21.42 -17.89
C SER A 372 -7.48 -21.49 -17.77
N GLN A 373 -6.84 -20.37 -17.42
CA GLN A 373 -5.40 -20.29 -17.33
C GLN A 373 -4.93 -20.60 -15.91
N VAL A 374 -5.84 -20.97 -15.01
CA VAL A 374 -5.49 -21.42 -13.67
C VAL A 374 -4.87 -22.82 -13.77
N SER A 375 -3.68 -22.99 -13.18
CA SER A 375 -2.91 -24.21 -13.33
C SER A 375 -3.63 -25.39 -12.65
N ASP A 376 -3.99 -25.20 -11.38
CA ASP A 376 -4.71 -26.21 -10.62
C ASP A 376 -5.93 -25.56 -9.96
N PRO A 377 -7.13 -25.67 -10.55
CA PRO A 377 -8.35 -25.13 -9.95
C PRO A 377 -8.68 -25.55 -8.52
N VAL A 378 -8.17 -26.72 -8.11
CA VAL A 378 -8.39 -27.23 -6.76
C VAL A 378 -7.42 -26.54 -5.79
N ASN A 379 -6.23 -26.17 -6.29
CA ASN A 379 -5.19 -25.55 -5.47
C ASN A 379 -4.64 -24.33 -6.20
N PRO A 380 -5.43 -23.26 -6.38
CA PRO A 380 -4.95 -22.04 -7.04
C PRO A 380 -3.90 -21.33 -6.19
N THR A 381 -2.95 -20.67 -6.84
CA THR A 381 -1.90 -19.92 -6.16
C THR A 381 -2.48 -18.62 -5.62
N ALA A 382 -1.72 -17.96 -4.74
CA ALA A 382 -2.13 -16.68 -4.17
C ALA A 382 -2.34 -15.65 -5.28
N HIS A 383 -1.49 -15.69 -6.31
CA HIS A 383 -1.56 -14.73 -7.41
C HIS A 383 -2.77 -15.01 -8.29
N GLU A 384 -3.12 -16.28 -8.45
CA GLU A 384 -4.32 -16.68 -9.18
C GLU A 384 -5.56 -16.16 -8.46
N LEU A 385 -5.65 -16.45 -7.15
CA LEU A 385 -6.76 -15.99 -6.33
C LEU A 385 -6.84 -14.46 -6.36
N LYS A 386 -5.68 -13.80 -6.35
CA LYS A 386 -5.61 -12.35 -6.38
C LYS A 386 -6.23 -11.81 -7.67
N GLN A 387 -5.87 -12.41 -8.81
CA GLN A 387 -6.31 -11.95 -10.11
C GLN A 387 -7.80 -12.21 -10.30
N ILE A 388 -8.28 -13.37 -9.82
CA ILE A 388 -9.68 -13.74 -9.96
C ILE A 388 -10.53 -12.80 -9.11
N GLY A 389 -10.07 -12.54 -7.87
CA GLY A 389 -10.74 -11.59 -7.00
C GLY A 389 -10.86 -10.21 -7.64
N ARG A 390 -9.75 -9.73 -8.21
CA ARG A 390 -9.71 -8.43 -8.87
C ARG A 390 -10.76 -8.38 -9.99
N ALA A 391 -10.85 -9.46 -10.78
CA ALA A 391 -11.80 -9.54 -11.88
C ALA A 391 -13.23 -9.47 -11.34
N LEU A 392 -13.51 -10.19 -10.25
CA LEU A 392 -14.84 -10.27 -9.68
C LEU A 392 -15.26 -8.90 -9.11
N ILE A 393 -14.33 -8.20 -8.47
CA ILE A 393 -14.61 -6.91 -7.85
C ILE A 393 -15.13 -5.93 -8.90
N GLU A 394 -14.60 -6.04 -10.14
CA GLU A 394 -14.83 -5.06 -11.19
C GLU A 394 -15.71 -5.60 -12.31
N LEU A 395 -16.27 -6.81 -12.14
CA LEU A 395 -17.02 -7.46 -13.22
C LEU A 395 -18.33 -6.71 -13.46
N LYS A 396 -18.56 -6.31 -14.72
CA LYS A 396 -19.78 -5.62 -15.12
C LYS A 396 -20.36 -6.30 -16.37
N PRO A 397 -21.18 -7.37 -16.20
CA PRO A 397 -21.80 -8.04 -17.36
C PRO A 397 -22.74 -7.12 -18.14
N ARG A 398 -22.93 -7.43 -19.41
CA ARG A 398 -23.87 -6.69 -20.25
C ARG A 398 -25.29 -7.04 -19.84
N GLN A 399 -25.47 -8.24 -19.29
CA GLN A 399 -26.76 -8.68 -18.76
C GLN A 399 -27.00 -8.00 -17.41
N ASP A 400 -28.12 -7.27 -17.29
CA ASP A 400 -28.51 -6.63 -16.05
C ASP A 400 -28.89 -7.67 -15.01
N GLU A 401 -29.36 -8.84 -15.47
CA GLU A 401 -29.79 -9.92 -14.59
C GLU A 401 -28.59 -10.49 -13.82
N TRP A 402 -27.38 -10.30 -14.36
CA TRP A 402 -26.17 -10.85 -13.77
C TRP A 402 -25.28 -9.75 -13.20
N HIS A 403 -25.80 -8.52 -13.16
CA HIS A 403 -25.03 -7.35 -12.74
C HIS A 403 -25.33 -7.09 -11.27
N CYS A 404 -24.28 -6.86 -10.46
CA CYS A 404 -24.46 -6.46 -9.07
C CYS A 404 -25.09 -5.07 -9.01
N LYS A 405 -25.96 -4.87 -8.02
CA LYS A 405 -26.72 -3.64 -7.88
C LYS A 405 -25.90 -2.62 -7.08
N ASN A 406 -25.27 -3.11 -6.01
CA ASN A 406 -24.38 -2.30 -5.19
C ASN A 406 -25.12 -1.06 -4.69
N LYS A 407 -26.33 -1.27 -4.16
CA LYS A 407 -27.11 -0.19 -3.58
C LYS A 407 -26.43 0.25 -2.28
N TRP A 408 -26.18 1.57 -2.16
CA TRP A 408 -25.34 2.10 -1.09
C TRP A 408 -25.74 3.55 -0.82
N SER A 409 -25.44 4.03 0.40
CA SER A 409 -25.71 5.40 0.79
C SER A 409 -24.81 6.36 0.01
N GLY A 410 -25.32 7.58 -0.23
CA GLY A 410 -24.54 8.63 -0.87
C GLY A 410 -23.55 9.29 0.09
N ALA A 411 -22.55 9.96 -0.47
CA ALA A 411 -21.45 10.52 0.31
C ALA A 411 -21.96 11.50 1.36
N GLU A 412 -22.94 12.34 1.00
CA GLU A 412 -23.39 13.38 1.92
C GLU A 412 -24.12 12.76 3.11
N GLU A 413 -25.00 11.78 2.84
CA GLU A 413 -25.71 11.07 3.89
C GLU A 413 -24.73 10.40 4.85
N ILE A 414 -23.67 9.79 4.29
CA ILE A 414 -22.64 9.14 5.09
C ILE A 414 -21.92 10.19 5.94
N ALA A 415 -21.59 11.34 5.33
CA ALA A 415 -20.89 12.41 6.02
C ALA A 415 -21.73 12.92 7.20
N GLN A 416 -23.04 13.03 6.99
CA GLN A 416 -23.96 13.45 8.04
C GLN A 416 -23.89 12.49 9.22
N GLU A 417 -23.82 11.18 8.92
CA GLU A 417 -23.76 10.15 9.95
C GLU A 417 -22.43 10.22 10.71
N LEU A 418 -21.33 10.41 9.96
CA LEU A 418 -20.02 10.54 10.58
C LEU A 418 -20.00 11.74 11.52
N TRP A 419 -20.51 12.88 11.03
CA TRP A 419 -20.54 14.11 11.79
C TRP A 419 -21.26 13.90 13.12
N GLN A 420 -22.43 13.24 13.07
CA GLN A 420 -23.26 13.04 14.24
C GLN A 420 -22.54 12.16 15.26
N ARG A 421 -21.92 11.07 14.80
CA ARG A 421 -21.28 10.13 15.70
C ARG A 421 -20.07 10.78 16.38
N ILE A 422 -19.29 11.54 15.60
CA ILE A 422 -18.10 12.20 16.10
C ILE A 422 -18.48 13.28 17.13
N THR A 423 -19.43 14.15 16.77
CA THR A 423 -19.75 15.32 17.58
C THR A 423 -20.60 14.94 18.80
N SER A 424 -21.16 13.73 18.81
CA SER A 424 -21.89 13.24 19.96
C SER A 424 -20.94 12.76 21.05
N ASN A 425 -19.66 12.57 20.71
CA ASN A 425 -18.60 12.32 21.67
C ASN A 425 -18.11 13.66 22.20
N GLU A 426 -18.34 13.90 23.50
CA GLU A 426 -18.16 15.23 24.08
C GLU A 426 -16.67 15.60 24.09
N THR A 427 -15.81 14.61 24.33
CA THR A 427 -14.37 14.82 24.38
C THR A 427 -13.83 15.14 22.99
N LEU A 428 -14.26 14.36 21.99
CA LEU A 428 -13.83 14.57 20.61
C LEU A 428 -14.29 15.94 20.13
N ARG A 429 -15.57 16.24 20.37
CA ARG A 429 -16.18 17.52 19.98
C ARG A 429 -15.29 18.67 20.45
N ALA A 430 -14.86 18.59 21.72
CA ALA A 430 -14.08 19.64 22.34
C ALA A 430 -12.67 19.74 21.74
N GLN A 431 -12.21 18.67 21.07
CA GLN A 431 -10.86 18.61 20.55
C GLN A 431 -10.79 19.07 19.09
N ILE A 432 -11.93 19.31 18.44
CA ILE A 432 -11.95 19.71 17.05
C ILE A 432 -11.61 21.20 16.94
N LYS A 433 -10.66 21.52 16.06
CA LYS A 433 -10.25 22.90 15.80
C LYS A 433 -10.69 23.33 14.41
N GLN A 434 -10.56 22.43 13.42
CA GLN A 434 -11.04 22.68 12.08
C GLN A 434 -11.64 21.41 11.48
N CYS A 435 -12.63 21.60 10.60
CA CYS A 435 -13.19 20.51 9.81
C CYS A 435 -13.25 20.96 8.35
N PHE A 436 -12.60 20.19 7.47
CA PHE A 436 -12.67 20.41 6.03
C PHE A 436 -13.87 19.64 5.46
N THR A 437 -14.85 20.38 4.92
CA THR A 437 -15.93 19.79 4.16
C THR A 437 -16.41 20.77 3.10
N GLN A 438 -16.85 20.22 1.96
CA GLN A 438 -17.49 21.00 0.90
C GLN A 438 -18.93 20.56 0.72
N PHE A 439 -19.47 19.80 1.69
CA PHE A 439 -20.87 19.40 1.67
C PHE A 439 -21.73 20.58 2.13
N GLU A 440 -22.76 20.91 1.35
CA GLU A 440 -23.57 22.08 1.57
C GLU A 440 -24.36 21.96 2.86
N SER A 441 -24.79 20.74 3.20
CA SER A 441 -25.58 20.50 4.40
C SER A 441 -24.72 20.52 5.67
N LEU A 442 -23.40 20.40 5.52
CA LEU A 442 -22.53 20.21 6.67
C LEU A 442 -21.70 21.46 6.98
N LYS A 443 -21.40 22.28 5.97
CA LYS A 443 -20.72 23.54 6.20
C LYS A 443 -21.40 24.33 7.32
N PRO A 444 -22.74 24.48 7.30
CA PRO A 444 -23.47 25.09 8.43
C PRO A 444 -23.13 24.52 9.81
N ARG A 445 -23.07 23.19 9.91
CA ARG A 445 -22.87 22.52 11.19
C ARG A 445 -21.45 22.77 11.69
N VAL A 446 -20.51 22.95 10.76
CA VAL A 446 -19.13 23.25 11.09
C VAL A 446 -19.04 24.69 11.62
N ALA A 447 -19.90 25.56 11.10
CA ALA A 447 -19.98 26.94 11.58
C ALA A 447 -20.61 26.97 12.98
N GLU A 448 -21.62 26.13 13.21
CA GLU A 448 -22.31 26.07 14.50
C GLU A 448 -21.33 25.72 15.61
N LEU A 449 -20.45 24.74 15.35
CA LEU A 449 -19.46 24.29 16.32
C LEU A 449 -18.41 25.37 16.55
N GLY A 450 -18.11 26.13 15.48
CA GLY A 450 -17.17 27.24 15.55
C GLY A 450 -17.63 28.34 16.51
N LEU A 451 -18.94 28.55 16.58
CA LEU A 451 -19.54 29.48 17.53
C LEU A 451 -19.32 28.96 18.95
N GLU A 452 -19.65 27.68 19.16
CA GLU A 452 -19.44 27.01 20.43
C GLU A 452 -17.94 26.94 20.73
N1 UDP B . 4.10 -0.92 -1.57
C2 UDP B . 3.35 -1.80 -0.83
N3 UDP B . 2.20 -2.23 -1.43
C4 UDP B . 1.72 -1.87 -2.67
C5 UDP B . 2.55 -0.93 -3.39
C6 UDP B . 3.69 -0.50 -2.82
O2 UDP B . 3.69 -2.20 0.28
O4 UDP B . 0.66 -2.33 -3.08
C1' UDP B . 5.35 -0.43 -0.97
C2' UDP B . 6.47 -1.48 -1.00
O2' UDP B . 7.10 -1.49 0.25
C3' UDP B . 7.38 -0.93 -2.11
C4' UDP B . 7.22 0.58 -1.90
O4' UDP B . 5.80 0.72 -1.66
O3' UDP B . 8.74 -1.34 -1.96
C5' UDP B . 7.67 1.46 -3.05
O5' UDP B . 7.06 0.98 -4.27
PA UDP B . 7.85 1.16 -5.65
O1A UDP B . 7.04 0.55 -6.73
O2A UDP B . 9.24 0.66 -5.48
O3A UDP B . 7.86 2.75 -5.81
PB UDP B . 8.90 3.75 -6.52
O1B UDP B . 8.66 3.68 -7.99
O2B UDP B . 10.27 3.30 -6.13
O3B UDP B . 8.57 5.09 -5.96
MG MG C . 11.11 1.54 -5.93
C1 EDO D . 12.56 8.83 4.28
O1 EDO D . 11.94 9.13 3.04
C2 EDO D . 12.18 7.53 4.88
O2 EDO D . 11.68 6.57 3.98
C1 EDO E . -0.22 -10.77 -9.49
O1 EDO E . 0.25 -9.80 -8.56
C2 EDO E . 0.76 -11.06 -10.55
O2 EDO E . 2.04 -11.46 -10.06
C1 EDO F . 7.15 5.76 -2.07
O1 EDO F . 7.92 5.03 -1.14
C2 EDO F . 7.05 7.21 -1.77
O2 EDO F . 8.29 7.80 -1.40
C1 EDO G . 2.67 -17.53 -4.06
O1 EDO G . 3.59 -16.76 -3.32
C2 EDO G . 1.88 -18.45 -3.22
O2 EDO G . 0.75 -19.00 -3.89
C1 GOL H . 11.85 5.89 -3.79
O1 GOL H . 12.02 5.21 -5.03
C2 GOL H . 10.77 5.25 -2.94
O2 GOL H . 9.63 4.95 -3.73
C3 GOL H . 11.23 4.00 -2.21
O3 GOL H . 10.14 3.24 -1.74
#